data_2I5C
#
_entry.id   2I5C
#
_cell.length_a   82.501
_cell.length_b   47.604
_cell.length_c   87.622
_cell.angle_alpha   90.00
_cell.angle_beta   90.00
_cell.angle_gamma   90.00
#
_symmetry.space_group_name_H-M   'C 1 2 1'
#
loop_
_entity.id
_entity.type
_entity.pdbx_description
1 polymer Pleckstrin
2 non-polymer '(1R,2S,3R,4S,5S,6R)-6-HYDROXYCYCLOHEXANE-1,2,3,4,5-PENTAYL PENTAKIS[DIHYDROGEN (PHOSPHATE)]'
3 water water
#
_entity_poly.entity_id   1
_entity_poly.type   'polypeptide(L)'
_entity_poly.pdbx_seq_one_letter_code
;GSFTGVIIKQGCLLKQGHRRKNWKVRKFILREDPAYLHYYDPAGAEDPLGAIHLRGCVVTSVESNSNGRKSEEENLFEII
TADEVHYFLQAATPKERTEWIKAIQMASR
;
_entity_poly.pdbx_strand_id   A,B,C
#
loop_
_chem_comp.id
_chem_comp.type
_chem_comp.name
_chem_comp.formula
IP5 non-polymer '(1R,2S,3R,4S,5S,6R)-6-HYDROXYCYCLOHEXANE-1,2,3,4,5-PENTAYL PENTAKIS[DIHYDROGEN (PHOSPHATE)]' 'C6 H17 O21 P5'
#
# COMPACT_ATOMS: atom_id res chain seq x y z
N VAL A 6 -8.09 -22.56 11.97
CA VAL A 6 -7.13 -23.63 11.57
C VAL A 6 -5.96 -22.96 10.85
N ILE A 7 -4.77 -23.33 11.27
CA ILE A 7 -3.54 -22.70 10.77
C ILE A 7 -3.00 -23.70 9.78
N ILE A 8 -2.87 -23.23 8.56
CA ILE A 8 -2.35 -24.06 7.47
CA ILE A 8 -2.36 -24.05 7.46
C ILE A 8 -0.83 -24.20 7.53
N LYS A 9 -0.13 -23.11 7.82
CA LYS A 9 1.36 -23.12 7.83
C LYS A 9 1.80 -21.97 8.68
N GLN A 10 2.89 -22.14 9.43
CA GLN A 10 3.60 -21.06 10.06
C GLN A 10 5.08 -21.22 9.92
N GLY A 11 5.78 -20.11 10.03
CA GLY A 11 7.24 -20.16 9.97
C GLY A 11 7.73 -18.75 9.83
N CYS A 12 9.01 -18.61 9.87
CA CYS A 12 9.61 -17.25 9.72
C CYS A 12 10.09 -17.04 8.29
N LEU A 13 10.04 -15.76 7.87
CA LEU A 13 10.57 -15.30 6.57
C LEU A 13 11.18 -13.93 6.78
N LEU A 14 12.04 -13.49 5.89
CA LEU A 14 12.38 -12.07 5.89
C LEU A 14 11.38 -11.34 5.02
N LYS A 15 11.11 -10.12 5.42
CA LYS A 15 10.12 -9.28 4.68
C LYS A 15 10.81 -7.95 4.42
N GLN A 16 10.72 -7.44 3.18
CA GLN A 16 11.37 -6.17 2.86
C GLN A 16 10.46 -4.98 3.16
N GLY A 17 11.06 -3.89 3.62
CA GLY A 17 10.27 -2.70 3.93
C GLY A 17 9.87 -2.01 2.66
N HIS A 18 8.83 -1.17 2.69
CA HIS A 18 8.30 -0.58 1.50
C HIS A 18 9.10 0.60 1.02
N ARG A 19 9.60 1.40 1.94
CA ARG A 19 10.29 2.67 1.59
C ARG A 19 11.79 2.47 1.71
N ARG A 20 12.22 1.78 2.77
CA ARG A 20 13.66 1.74 3.05
C ARG A 20 14.38 0.45 2.60
N LYS A 21 13.65 -0.54 2.08
CA LYS A 21 14.30 -1.74 1.47
C LYS A 21 15.13 -2.68 2.35
N ASN A 22 15.06 -2.48 3.67
CA ASN A 22 15.71 -3.32 4.59
C ASN A 22 14.86 -4.53 4.84
N TRP A 23 15.52 -5.63 5.26
CA TRP A 23 14.80 -6.92 5.45
C TRP A 23 14.74 -7.21 6.96
N LYS A 24 13.54 -7.59 7.41
CA LYS A 24 13.31 -7.91 8.81
C LYS A 24 12.75 -9.30 8.91
N VAL A 25 13.20 -10.05 9.91
CA VAL A 25 12.59 -11.36 10.15
C VAL A 25 11.18 -11.14 10.74
N ARG A 26 10.17 -11.81 10.17
CA ARG A 26 8.87 -11.88 10.78
C ARG A 26 8.39 -13.31 10.87
N LYS A 27 7.55 -13.59 11.87
CA LYS A 27 6.86 -14.86 11.95
C LYS A 27 5.58 -14.73 11.16
N PHE A 28 5.33 -15.70 10.30
CA PHE A 28 4.11 -15.68 9.49
C PHE A 28 3.17 -16.78 9.86
N ILE A 29 1.85 -16.49 9.88
CA ILE A 29 0.84 -17.52 10.15
C ILE A 29 -0.18 -17.44 9.03
N LEU A 30 -0.27 -18.53 8.28
CA LEU A 30 -1.25 -18.61 7.19
C LEU A 30 -2.49 -19.34 7.66
N ARG A 31 -3.62 -18.66 7.47
CA ARG A 31 -4.95 -19.24 7.74
C ARG A 31 -5.74 -19.26 6.43
N GLU A 32 -6.71 -20.18 6.35
CA GLU A 32 -7.54 -20.32 5.12
C GLU A 32 -9.02 -19.95 5.15
N ASP A 33 -9.68 -19.86 6.30
CA ASP A 33 -11.12 -19.47 6.11
C ASP A 33 -11.78 -18.28 6.82
N PRO A 34 -11.53 -17.01 6.38
CA PRO A 34 -10.84 -16.51 5.18
C PRO A 34 -9.30 -16.60 5.18
N ALA A 35 -8.74 -16.33 4.02
CA ALA A 35 -7.36 -16.51 3.75
C ALA A 35 -6.56 -15.25 4.09
N TYR A 36 -5.76 -15.38 5.14
CA TYR A 36 -4.99 -14.27 5.68
C TYR A 36 -3.57 -14.80 5.91
N LEU A 37 -2.57 -13.95 5.74
CA LEU A 37 -1.20 -14.27 6.18
C LEU A 37 -0.88 -13.17 7.18
N HIS A 38 -1.03 -13.45 8.48
CA HIS A 38 -0.65 -12.51 9.53
C HIS A 38 0.84 -12.59 9.80
N TYR A 39 1.44 -11.49 10.25
CA TYR A 39 2.88 -11.59 10.53
C TYR A 39 3.13 -10.82 11.84
N TYR A 40 4.16 -11.25 12.59
CA TYR A 40 4.38 -10.85 13.96
C TYR A 40 5.85 -10.60 14.15
N ASP A 41 6.23 -9.79 15.16
CA ASP A 41 7.66 -9.56 15.40
C ASP A 41 8.10 -10.79 16.20
N PRO A 42 9.15 -11.47 15.76
CA PRO A 42 9.58 -12.72 16.43
C PRO A 42 10.07 -12.53 17.82
N ALA A 43 10.47 -11.34 18.18
CA ALA A 43 11.04 -11.19 19.50
C ALA A 43 10.10 -10.35 20.32
N GLY A 44 8.99 -9.90 19.75
CA GLY A 44 8.22 -8.84 20.44
C GLY A 44 6.75 -9.02 20.77
N ALA A 45 5.93 -8.01 20.44
CA ALA A 45 4.51 -8.00 20.82
C ALA A 45 3.71 -9.22 20.31
N GLU A 46 2.78 -9.72 21.15
CA GLU A 46 1.86 -10.83 20.83
C GLU A 46 0.96 -10.43 19.66
N ASP A 47 0.54 -9.18 19.68
CA ASP A 47 -0.34 -8.64 18.66
C ASP A 47 0.31 -8.64 17.25
N PRO A 48 -0.46 -8.96 16.22
CA PRO A 48 0.19 -8.96 14.92
C PRO A 48 0.58 -7.58 14.47
N LEU A 49 1.64 -7.53 13.66
CA LEU A 49 2.08 -6.31 13.03
C LEU A 49 1.18 -5.93 11.84
N GLY A 50 0.60 -6.94 11.22
CA GLY A 50 -0.20 -6.71 10.05
C GLY A 50 -0.77 -8.02 9.54
N ALA A 51 -1.60 -7.90 8.49
CA ALA A 51 -2.08 -9.09 7.82
C ALA A 51 -2.25 -8.83 6.37
N ILE A 52 -1.93 -9.84 5.59
CA ILE A 52 -2.10 -9.83 4.12
CA ILE A 52 -2.19 -9.74 4.15
C ILE A 52 -3.38 -10.58 3.72
N HIS A 53 -4.31 -9.94 2.99
CA HIS A 53 -5.54 -10.55 2.58
C HIS A 53 -5.15 -11.32 1.29
N LEU A 54 -5.31 -12.65 1.24
CA LEU A 54 -4.79 -13.42 0.08
C LEU A 54 -5.78 -13.66 -1.03
N ARG A 55 -7.08 -13.51 -0.79
CA ARG A 55 -8.01 -13.80 -1.84
C ARG A 55 -7.66 -12.96 -3.07
N GLY A 56 -7.43 -13.62 -4.21
CA GLY A 56 -7.16 -12.92 -5.44
C GLY A 56 -5.72 -12.47 -5.61
N CYS A 57 -4.87 -12.85 -4.67
CA CYS A 57 -3.49 -12.37 -4.80
C CYS A 57 -2.78 -13.26 -5.85
N VAL A 58 -1.66 -12.74 -6.32
CA VAL A 58 -0.73 -13.50 -7.18
C VAL A 58 0.62 -13.58 -6.45
N VAL A 59 1.21 -14.78 -6.45
CA VAL A 59 2.52 -14.97 -5.83
CA VAL A 59 2.52 -15.00 -5.83
C VAL A 59 3.50 -15.58 -6.85
N THR A 60 4.68 -15.02 -6.89
CA THR A 60 5.69 -15.43 -7.87
CA THR A 60 5.66 -15.43 -7.89
C THR A 60 7.06 -15.58 -7.30
N SER A 61 7.77 -16.59 -7.78
CA SER A 61 9.15 -16.75 -7.42
C SER A 61 9.90 -15.66 -8.18
N VAL A 62 10.94 -15.10 -7.56
CA VAL A 62 11.70 -14.01 -8.17
C VAL A 62 13.14 -14.47 -8.28
N GLU A 73 20.79 -11.53 -1.35
CA GLU A 73 19.43 -12.03 -1.53
C GLU A 73 19.32 -13.26 -2.46
N GLU A 74 18.75 -14.35 -1.96
CA GLU A 74 17.99 -15.31 -2.80
C GLU A 74 16.91 -16.07 -2.01
N ASN A 75 16.31 -17.06 -2.65
CA ASN A 75 15.02 -17.59 -2.22
C ASN A 75 14.01 -16.48 -2.02
N LEU A 76 14.07 -15.48 -2.90
CA LEU A 76 13.01 -14.41 -2.92
C LEU A 76 11.67 -14.79 -3.54
N PHE A 77 10.57 -14.24 -3.01
CA PHE A 77 9.31 -14.32 -3.77
C PHE A 77 8.47 -13.11 -3.47
N GLU A 78 7.46 -12.87 -4.29
CA GLU A 78 6.67 -11.64 -4.17
C GLU A 78 5.17 -11.95 -4.17
N ILE A 79 4.43 -11.33 -3.28
CA ILE A 79 2.95 -11.39 -3.29
C ILE A 79 2.44 -10.02 -3.74
N ILE A 80 1.55 -10.04 -4.75
CA ILE A 80 0.82 -8.83 -5.17
C ILE A 80 -0.67 -9.03 -4.84
N THR A 81 -1.18 -8.24 -3.90
CA THR A 81 -2.52 -8.44 -3.40
C THR A 81 -3.55 -7.88 -4.35
N ALA A 82 -4.85 -8.18 -4.09
CA ALA A 82 -5.89 -7.67 -4.97
C ALA A 82 -5.91 -6.12 -5.07
N ASP A 83 -5.55 -5.46 -3.97
CA ASP A 83 -5.42 -4.02 -4.02
C ASP A 83 -4.03 -3.56 -4.39
N GLU A 84 -3.31 -4.40 -5.10
CA GLU A 84 -2.06 -4.02 -5.79
C GLU A 84 -0.85 -3.77 -4.89
N VAL A 85 -0.91 -4.14 -3.60
CA VAL A 85 0.27 -3.98 -2.75
C VAL A 85 1.26 -5.11 -2.99
N HIS A 86 2.55 -4.76 -3.07
CA HIS A 86 3.56 -5.79 -3.27
C HIS A 86 4.25 -6.06 -1.98
N TYR A 87 4.43 -7.34 -1.67
CA TYR A 87 5.24 -7.72 -0.50
C TYR A 87 6.38 -8.61 -1.03
N PHE A 88 7.59 -8.25 -0.65
CA PHE A 88 8.76 -9.04 -1.05
C PHE A 88 9.25 -9.80 0.19
N LEU A 89 9.43 -11.11 0.02
CA LEU A 89 9.73 -12.05 1.12
C LEU A 89 10.93 -12.91 0.73
N GLN A 90 11.68 -13.42 1.72
CA GLN A 90 12.81 -14.20 1.39
C GLN A 90 12.79 -15.42 2.33
N ALA A 91 12.86 -16.62 1.76
CA ALA A 91 12.98 -17.86 2.58
C ALA A 91 14.42 -18.23 2.84
N ALA A 92 14.65 -19.18 3.75
CA ALA A 92 16.03 -19.58 4.13
C ALA A 92 16.63 -20.63 3.19
N THR A 93 15.75 -21.36 2.49
CA THR A 93 16.16 -22.40 1.53
C THR A 93 15.21 -22.44 0.35
N PRO A 94 15.66 -22.97 -0.79
CA PRO A 94 14.74 -23.04 -1.94
C PRO A 94 13.50 -23.87 -1.65
N LYS A 95 13.65 -24.94 -0.86
CA LYS A 95 12.51 -25.79 -0.52
C LYS A 95 11.45 -25.02 0.24
N GLU A 96 11.88 -24.21 1.21
CA GLU A 96 10.93 -23.38 1.99
C GLU A 96 10.21 -22.40 1.08
N ARG A 97 10.91 -21.79 0.13
CA ARG A 97 10.25 -20.90 -0.86
C ARG A 97 9.14 -21.65 -1.61
N THR A 98 9.48 -22.84 -2.09
CA THR A 98 8.56 -23.62 -2.91
C THR A 98 7.30 -23.96 -2.12
N GLU A 99 7.51 -24.39 -0.88
CA GLU A 99 6.40 -24.71 0.02
C GLU A 99 5.51 -23.52 0.32
N TRP A 100 6.14 -22.38 0.58
CA TRP A 100 5.33 -21.21 0.89
C TRP A 100 4.53 -20.76 -0.32
N ILE A 101 5.18 -20.77 -1.47
CA ILE A 101 4.43 -20.30 -2.66
C ILE A 101 3.22 -21.21 -2.93
N LYS A 102 3.46 -22.50 -2.84
CA LYS A 102 2.39 -23.48 -3.01
C LYS A 102 1.25 -23.27 -1.99
N ALA A 103 1.60 -23.12 -0.71
CA ALA A 103 0.55 -22.93 0.33
C ALA A 103 -0.24 -21.65 0.09
N ILE A 104 0.48 -20.56 -0.23
CA ILE A 104 -0.21 -19.26 -0.47
C ILE A 104 -1.12 -19.34 -1.66
N GLN A 105 -0.67 -19.96 -2.74
CA GLN A 105 -1.53 -20.08 -3.92
C GLN A 105 -2.83 -20.80 -3.59
N MET A 106 -2.70 -21.92 -2.88
CA MET A 106 -3.85 -22.71 -2.54
C MET A 106 -4.82 -21.92 -1.71
N ALA A 107 -4.33 -21.16 -0.75
CA ALA A 107 -5.20 -20.36 0.12
C ALA A 107 -5.84 -19.18 -0.58
N SER A 108 -5.37 -18.81 -1.77
CA SER A 108 -5.80 -17.55 -2.45
C SER A 108 -7.03 -17.78 -3.28
N ARG A 109 -7.47 -19.01 -3.31
CA ARG A 109 -8.52 -19.40 -4.26
C ARG A 109 -9.91 -19.03 -3.75
N VAL B 6 -9.02 10.97 -6.34
CA VAL B 6 -8.01 10.87 -5.24
C VAL B 6 -8.50 9.85 -4.23
N ILE B 7 -7.62 8.89 -3.94
CA ILE B 7 -8.00 7.76 -3.13
C ILE B 7 -7.41 8.04 -1.75
N ILE B 8 -8.28 8.02 -0.77
CA ILE B 8 -7.89 8.26 0.62
C ILE B 8 -7.32 6.96 1.23
N LYS B 9 -7.98 5.85 0.95
CA LYS B 9 -7.58 4.53 1.49
C LYS B 9 -8.08 3.41 0.58
N GLN B 10 -7.32 2.30 0.48
CA GLN B 10 -7.85 1.10 -0.10
C GLN B 10 -7.36 -0.11 0.68
N GLY B 11 -8.11 -1.18 0.57
CA GLY B 11 -7.68 -2.40 1.20
C GLY B 11 -8.83 -3.39 1.14
N CYS B 12 -8.56 -4.60 1.56
CA CYS B 12 -9.66 -5.59 1.56
C CYS B 12 -10.31 -5.67 2.95
N LEU B 13 -11.60 -6.03 2.96
CA LEU B 13 -12.37 -6.35 4.16
C LEU B 13 -13.34 -7.48 3.84
N LEU B 14 -13.84 -8.16 4.84
CA LEU B 14 -14.98 -9.03 4.62
C LEU B 14 -16.28 -8.24 4.77
N LYS B 15 -17.23 -8.60 3.94
CA LYS B 15 -18.51 -7.88 3.92
C LYS B 15 -19.59 -8.95 4.06
N GLN B 16 -20.56 -8.68 4.95
CA GLN B 16 -21.63 -9.67 5.18
C GLN B 16 -22.81 -9.50 4.23
N GLY B 17 -23.41 -10.60 3.76
CA GLY B 17 -24.53 -10.45 2.83
C GLY B 17 -25.75 -9.99 3.60
N HIS B 18 -26.76 -9.43 2.92
CA HIS B 18 -27.91 -8.86 3.58
C HIS B 18 -28.93 -9.90 3.98
N ARG B 19 -29.12 -10.93 3.13
CA ARG B 19 -30.17 -11.96 3.37
C ARG B 19 -29.52 -13.20 3.96
N ARG B 20 -28.39 -13.60 3.39
CA ARG B 20 -27.81 -14.88 3.70
C ARG B 20 -26.70 -14.89 4.77
N LYS B 21 -26.23 -13.72 5.22
CA LYS B 21 -25.24 -13.65 6.33
C LYS B 21 -23.86 -14.25 6.15
N ASN B 22 -23.52 -14.61 4.92
CA ASN B 22 -22.21 -15.10 4.66
C ASN B 22 -21.28 -13.97 4.49
N TRP B 23 -19.97 -14.23 4.64
CA TRP B 23 -18.97 -13.13 4.49
C TRP B 23 -18.17 -13.36 3.24
N LYS B 24 -17.99 -12.29 2.46
CA LYS B 24 -17.22 -12.34 1.24
C LYS B 24 -16.11 -11.30 1.32
N VAL B 25 -14.93 -11.67 0.82
CA VAL B 25 -13.83 -10.69 0.73
C VAL B 25 -14.16 -9.72 -0.41
N ARG B 26 -14.11 -8.40 -0.13
CA ARG B 26 -14.15 -7.37 -1.17
C ARG B 26 -12.98 -6.40 -1.02
N LYS B 27 -12.53 -5.88 -2.16
CA LYS B 27 -11.58 -4.79 -2.18
C LYS B 27 -12.36 -3.51 -2.05
N PHE B 28 -11.93 -2.68 -1.14
CA PHE B 28 -12.64 -1.39 -0.91
C PHE B 28 -11.79 -0.23 -1.30
N ILE B 29 -12.40 0.78 -1.94
CA ILE B 29 -11.64 2.00 -2.26
C ILE B 29 -12.42 3.19 -1.73
N LEU B 30 -11.78 3.92 -0.82
CA LEU B 30 -12.44 5.11 -0.24
C LEU B 30 -11.99 6.37 -0.94
N ARG B 31 -12.96 7.16 -1.40
CA ARG B 31 -12.67 8.49 -2.01
C ARG B 31 -13.42 9.55 -1.22
N GLU B 32 -12.92 10.78 -1.24
CA GLU B 32 -13.62 11.91 -0.59
C GLU B 32 -14.12 12.97 -1.60
N ASP B 33 -15.12 13.76 -1.22
CA ASP B 33 -15.63 14.93 -1.99
C ASP B 33 -16.06 14.74 -3.50
N PRO B 34 -17.07 13.86 -3.76
CA PRO B 34 -17.86 13.26 -2.72
C PRO B 34 -17.31 11.94 -2.21
N ALA B 35 -17.79 11.64 -1.01
CA ALA B 35 -17.35 10.57 -0.24
C ALA B 35 -18.08 9.29 -0.61
N TYR B 36 -17.33 8.34 -1.17
CA TYR B 36 -17.86 7.07 -1.65
C TYR B 36 -16.93 6.00 -1.09
N LEU B 37 -17.49 4.85 -0.73
CA LEU B 37 -16.67 3.65 -0.52
C LEU B 37 -17.12 2.64 -1.57
N HIS B 38 -16.39 2.51 -2.68
CA HIS B 38 -16.72 1.53 -3.70
C HIS B 38 -16.11 0.17 -3.30
N TYR B 39 -16.70 -0.92 -3.80
CA TYR B 39 -16.10 -2.20 -3.44
C TYR B 39 -16.16 -3.10 -4.69
N TYR B 40 -15.24 -4.05 -4.77
CA TYR B 40 -14.96 -4.81 -6.01
C TYR B 40 -14.72 -6.25 -5.69
N ASP B 41 -14.91 -7.15 -6.65
CA ASP B 41 -14.60 -8.56 -6.39
C ASP B 41 -13.07 -8.68 -6.54
N PRO B 42 -12.36 -9.20 -5.51
CA PRO B 42 -10.90 -9.26 -5.58
C PRO B 42 -10.37 -10.15 -6.70
N ALA B 43 -11.16 -11.07 -7.16
CA ALA B 43 -10.71 -11.84 -8.35
C ALA B 43 -10.90 -10.94 -9.58
N GLY B 44 -12.11 -10.46 -9.67
CA GLY B 44 -12.88 -10.50 -10.95
C GLY B 44 -13.06 -9.19 -11.68
N ALA B 45 -14.33 -8.77 -11.91
CA ALA B 45 -14.66 -7.53 -12.72
C ALA B 45 -13.76 -6.41 -12.20
N GLU B 46 -12.97 -5.79 -13.05
CA GLU B 46 -12.97 -4.31 -13.27
C GLU B 46 -14.07 -3.58 -12.52
N ASP B 47 -15.28 -3.76 -12.97
CA ASP B 47 -16.36 -2.87 -12.56
C ASP B 47 -16.69 -3.04 -11.07
N PRO B 48 -17.03 -1.94 -10.40
CA PRO B 48 -17.36 -2.11 -9.00
C PRO B 48 -18.65 -2.91 -8.83
N LEU B 49 -18.73 -3.59 -7.69
CA LEU B 49 -19.96 -4.31 -7.36
C LEU B 49 -20.98 -3.37 -6.78
N GLY B 50 -20.52 -2.29 -6.20
CA GLY B 50 -21.44 -1.34 -5.56
C GLY B 50 -20.67 -0.19 -4.99
N ALA B 51 -21.41 0.79 -4.47
CA ALA B 51 -20.78 1.85 -3.74
C ALA B 51 -21.68 2.27 -2.60
N ILE B 52 -21.02 2.61 -1.53
CA ILE B 52 -21.64 3.19 -0.31
CA ILE B 52 -21.75 3.22 -0.42
C ILE B 52 -21.48 4.72 -0.32
N HIS B 53 -22.59 5.48 -0.22
CA HIS B 53 -22.52 6.92 -0.16
C HIS B 53 -22.29 7.24 1.35
N LEU B 54 -21.20 7.91 1.68
CA LEU B 54 -20.79 8.10 3.10
C LEU B 54 -21.31 9.37 3.75
N ARG B 55 -21.71 10.36 2.98
CA ARG B 55 -22.11 11.60 3.63
C ARG B 55 -23.27 11.31 4.56
N GLY B 56 -23.08 11.67 5.84
CA GLY B 56 -24.13 11.45 6.81
C GLY B 56 -24.19 10.10 7.46
N CYS B 57 -23.31 9.17 7.05
CA CYS B 57 -23.38 7.85 7.59
C CYS B 57 -22.82 7.87 9.02
N VAL B 58 -23.17 6.82 9.75
CA VAL B 58 -22.56 6.57 11.08
C VAL B 58 -21.83 5.26 11.01
N VAL B 59 -20.64 5.23 11.60
CA VAL B 59 -19.87 3.98 11.63
CA VAL B 59 -19.83 4.00 11.63
C VAL B 59 -19.51 3.67 13.07
N THR B 60 -19.66 2.41 13.44
CA THR B 60 -19.46 1.97 14.81
CA THR B 60 -19.41 1.98 14.83
C THR B 60 -18.68 0.66 14.88
N SER B 61 -17.85 0.54 15.89
CA SER B 61 -17.17 -0.66 16.16
C SER B 61 -18.21 -1.58 16.79
N VAL B 62 -18.12 -2.90 16.56
CA VAL B 62 -19.14 -3.84 17.03
C VAL B 62 -18.50 -4.91 17.87
N GLU B 73 -15.79 -14.46 13.83
CA GLU B 73 -16.12 -13.05 13.77
C GLU B 73 -15.38 -12.25 14.85
N GLU B 74 -14.43 -11.41 14.42
CA GLU B 74 -13.60 -10.55 15.27
C GLU B 74 -13.29 -9.30 14.42
N ASN B 75 -12.94 -8.17 15.04
CA ASN B 75 -12.72 -6.90 14.30
C ASN B 75 -13.88 -6.49 13.39
N LEU B 76 -15.11 -6.68 13.90
CA LEU B 76 -16.32 -6.22 13.19
C LEU B 76 -16.61 -4.72 13.32
N PHE B 77 -17.19 -4.13 12.27
CA PHE B 77 -17.78 -2.81 12.41
C PHE B 77 -18.93 -2.63 11.48
N GLU B 78 -19.76 -1.60 11.72
CA GLU B 78 -20.99 -1.41 10.95
C GLU B 78 -21.11 0.00 10.43
N ILE B 79 -21.52 0.14 9.18
CA ILE B 79 -21.85 1.47 8.62
C ILE B 79 -23.34 1.50 8.44
N ILE B 80 -23.97 2.59 8.94
CA ILE B 80 -25.40 2.86 8.69
C ILE B 80 -25.50 4.11 7.83
N THR B 81 -25.96 3.96 6.59
CA THR B 81 -25.97 5.10 5.65
C THR B 81 -27.12 6.04 5.93
N ALA B 82 -27.15 7.19 5.25
CA ALA B 82 -28.20 8.14 5.51
C ALA B 82 -29.61 7.59 5.17
N ASP B 83 -29.67 6.68 4.18
CA ASP B 83 -30.90 6.01 3.79
C ASP B 83 -31.07 4.70 4.53
N GLU B 84 -30.41 4.61 5.68
CA GLU B 84 -30.68 3.55 6.70
C GLU B 84 -30.15 2.15 6.34
N VAL B 85 -29.34 2.02 5.28
CA VAL B 85 -28.81 0.68 4.96
C VAL B 85 -27.66 0.32 5.88
N HIS B 86 -27.67 -0.92 6.40
CA HIS B 86 -26.60 -1.39 7.30
C HIS B 86 -25.60 -2.24 6.52
N TYR B 87 -24.32 -1.96 6.66
CA TYR B 87 -23.28 -2.77 6.04
C TYR B 87 -22.40 -3.30 7.19
N PHE B 88 -22.24 -4.61 7.26
CA PHE B 88 -21.41 -5.21 8.32
C PHE B 88 -20.10 -5.66 7.66
N LEU B 89 -18.96 -5.22 8.25
CA LEU B 89 -17.62 -5.44 7.67
C LEU B 89 -16.70 -6.04 8.73
N GLN B 90 -15.65 -6.77 8.33
CA GLN B 90 -14.76 -7.33 9.30
C GLN B 90 -13.36 -7.06 8.78
N ALA B 91 -12.54 -6.48 9.63
CA ALA B 91 -11.11 -6.29 9.32
C ALA B 91 -10.28 -7.50 9.80
N ALA B 92 -9.03 -7.57 9.37
CA ALA B 92 -8.14 -8.74 9.70
C ALA B 92 -7.44 -8.56 11.05
N THR B 93 -7.33 -7.32 11.50
CA THR B 93 -6.67 -7.02 12.80
C THR B 93 -7.40 -5.85 13.46
N PRO B 94 -7.31 -5.73 14.78
CA PRO B 94 -7.88 -4.55 15.45
C PRO B 94 -7.38 -3.22 14.89
N LYS B 95 -6.08 -3.14 14.52
CA LYS B 95 -5.54 -1.86 14.02
C LYS B 95 -6.18 -1.45 12.70
N GLU B 96 -6.39 -2.43 11.83
CA GLU B 96 -7.05 -2.17 10.55
C GLU B 96 -8.51 -1.64 10.79
N ARG B 97 -9.28 -2.25 11.68
CA ARG B 97 -10.63 -1.75 12.06
C ARG B 97 -10.56 -0.28 12.47
N THR B 98 -9.64 0.04 13.39
CA THR B 98 -9.52 1.37 13.93
C THR B 98 -9.22 2.35 12.81
N GLU B 99 -8.29 1.97 11.94
CA GLU B 99 -7.98 2.85 10.80
C GLU B 99 -9.14 3.05 9.82
N TRP B 100 -9.85 1.97 9.48
CA TRP B 100 -10.96 2.14 8.56
C TRP B 100 -12.08 3.01 9.18
N ILE B 101 -12.34 2.78 10.45
CA ILE B 101 -13.42 3.58 11.09
C ILE B 101 -13.07 5.07 11.08
N LYS B 102 -11.82 5.39 11.43
CA LYS B 102 -11.38 6.79 11.44
C LYS B 102 -11.48 7.41 10.04
N ALA B 103 -10.99 6.67 9.04
CA ALA B 103 -11.01 7.18 7.65
C ALA B 103 -12.41 7.41 7.16
N ILE B 104 -13.28 6.43 7.38
CA ILE B 104 -14.71 6.61 7.03
C ILE B 104 -15.34 7.80 7.72
N GLN B 105 -15.13 7.97 9.01
CA GLN B 105 -15.76 9.08 9.73
C GLN B 105 -15.34 10.40 9.16
N MET B 106 -14.06 10.54 8.85
CA MET B 106 -13.55 11.78 8.33
C MET B 106 -14.13 12.08 6.95
N ALA B 107 -14.33 11.05 6.15
CA ALA B 107 -14.89 11.22 4.82
C ALA B 107 -16.41 11.52 4.87
N SER B 108 -17.09 11.25 5.98
CA SER B 108 -18.58 11.33 6.12
C SER B 108 -19.08 12.73 6.38
N ARG B 109 -18.13 13.64 6.57
CA ARG B 109 -18.44 14.99 7.02
C ARG B 109 -18.92 15.88 5.88
N VAL C 6 15.03 30.60 -2.79
CA VAL C 6 15.06 30.63 -4.25
C VAL C 6 14.78 29.22 -4.72
N ILE C 7 14.05 29.16 -5.82
CA ILE C 7 13.76 27.92 -6.53
C ILE C 7 14.88 27.72 -7.57
N ILE C 8 15.54 26.58 -7.45
CA ILE C 8 16.63 26.21 -8.34
CA ILE C 8 16.65 26.11 -8.32
C ILE C 8 16.11 25.52 -9.63
N LYS C 9 15.08 24.70 -9.49
CA LYS C 9 14.51 24.01 -10.69
C LYS C 9 13.11 23.59 -10.34
N GLN C 10 12.19 23.64 -11.31
CA GLN C 10 10.91 22.97 -11.17
C GLN C 10 10.51 22.28 -12.42
N GLY C 11 9.58 21.35 -12.29
CA GLY C 11 9.05 20.68 -13.48
C GLY C 11 8.27 19.50 -13.01
N CYS C 12 7.70 18.78 -13.94
CA CYS C 12 7.00 17.53 -13.56
C CYS C 12 7.83 16.30 -13.81
N LEU C 13 7.53 15.26 -13.00
CA LEU C 13 8.14 13.94 -13.15
C LEU C 13 7.09 12.89 -12.71
N LEU C 14 7.21 11.67 -13.16
CA LEU C 14 6.43 10.58 -12.59
C LEU C 14 7.17 10.03 -11.39
N LYS C 15 6.38 9.66 -10.41
CA LYS C 15 6.91 9.19 -9.13
C LYS C 15 6.19 7.89 -8.85
N GLN C 16 6.96 6.87 -8.42
CA GLN C 16 6.36 5.54 -8.20
C GLN C 16 5.89 5.39 -6.75
N GLY C 17 4.77 4.72 -6.54
CA GLY C 17 4.26 4.53 -5.17
C GLY C 17 5.11 3.53 -4.43
N HIS C 18 5.07 3.53 -3.11
CA HIS C 18 5.91 2.70 -2.30
C HIS C 18 5.42 1.29 -2.21
N ARG C 19 4.10 1.14 -2.11
CA ARG C 19 3.48 -0.20 -1.89
C ARG C 19 2.96 -0.74 -3.19
N ARG C 20 2.34 0.12 -4.02
CA ARG C 20 1.55 -0.37 -5.12
C ARG C 20 2.24 -0.22 -6.48
N LYS C 21 3.39 0.45 -6.53
CA LYS C 21 4.22 0.50 -7.78
C LYS C 21 3.65 1.21 -8.99
N ASN C 22 2.54 1.91 -8.81
CA ASN C 22 2.00 2.71 -9.85
C ASN C 22 2.69 4.02 -9.93
N TRP C 23 2.61 4.67 -11.08
CA TRP C 23 3.34 5.95 -11.32
C TRP C 23 2.34 7.08 -11.43
N LYS C 24 2.62 8.15 -10.69
CA LYS C 24 1.77 9.33 -10.74
CA LYS C 24 1.78 9.34 -10.65
C LYS C 24 2.57 10.55 -11.13
N VAL C 25 1.96 11.41 -11.95
CA VAL C 25 2.64 12.68 -12.25
C VAL C 25 2.62 13.60 -11.02
N ARG C 26 3.80 14.16 -10.63
CA ARG C 26 3.84 15.21 -9.64
C ARG C 26 4.66 16.39 -10.17
N LYS C 27 4.34 17.57 -9.68
CA LYS C 27 5.15 18.73 -9.90
C LYS C 27 6.19 18.81 -8.81
N PHE C 28 7.42 18.98 -9.20
CA PHE C 28 8.53 19.06 -8.23
C PHE C 28 9.11 20.42 -8.20
N ILE C 29 9.50 20.88 -7.02
CA ILE C 29 10.17 22.18 -6.88
C ILE C 29 11.41 21.93 -6.04
N LEU C 30 12.55 22.19 -6.64
CA LEU C 30 13.81 22.05 -5.92
C LEU C 30 14.26 23.37 -5.34
N ARG C 31 14.50 23.41 -4.02
CA ARG C 31 15.15 24.57 -3.39
C ARG C 31 16.48 24.13 -2.76
N GLU C 32 17.41 25.07 -2.56
CA GLU C 32 18.68 24.76 -1.89
C GLU C 32 18.85 25.52 -0.55
N ASP C 33 19.72 25.02 0.34
CA ASP C 33 20.11 25.69 1.62
C ASP C 33 18.98 26.25 2.59
N PRO C 34 18.06 25.37 3.10
CA PRO C 34 18.19 23.94 2.96
C PRO C 34 17.58 23.33 1.67
N ALA C 35 18.20 22.24 1.32
CA ALA C 35 17.95 21.53 0.15
C ALA C 35 16.72 20.60 0.34
N TYR C 36 15.63 20.95 -0.32
CA TYR C 36 14.36 20.18 -0.28
C TYR C 36 13.92 19.99 -1.75
N LEU C 37 13.31 18.86 -2.02
CA LEU C 37 12.52 18.67 -3.25
C LEU C 37 11.07 18.50 -2.81
N HIS C 38 10.25 19.55 -2.88
CA HIS C 38 8.83 19.39 -2.58
C HIS C 38 8.06 18.89 -3.77
N TYR C 39 6.94 18.22 -3.57
CA TYR C 39 6.23 17.74 -4.75
C TYR C 39 4.73 17.94 -4.48
N TYR C 40 3.97 18.15 -5.57
CA TYR C 40 2.59 18.63 -5.47
C TYR C 40 1.72 17.89 -6.46
N ASP C 41 0.40 17.80 -6.24
CA ASP C 41 -0.49 17.19 -7.23
C ASP C 41 -0.65 18.23 -8.34
N PRO C 42 -0.35 17.87 -9.60
CA PRO C 42 -0.42 18.86 -10.72
C PRO C 42 -1.79 19.55 -10.85
N ALA C 43 -2.86 18.98 -10.32
CA ALA C 43 -4.16 19.16 -10.91
C ALA C 43 -4.89 19.77 -9.68
N GLY C 44 -4.17 20.20 -8.64
CA GLY C 44 -4.82 20.32 -7.29
C GLY C 44 -4.38 21.42 -6.32
N ALA C 45 -4.93 21.34 -5.11
CA ALA C 45 -4.08 21.11 -3.97
C ALA C 45 -2.81 21.98 -3.89
N GLU C 46 -3.04 23.28 -3.65
CA GLU C 46 -1.95 24.24 -3.35
C GLU C 46 -0.90 23.62 -2.40
N ASP C 47 -1.37 22.95 -1.36
CA ASP C 47 -0.44 22.33 -0.39
C ASP C 47 0.47 21.22 -0.95
N PRO C 48 1.76 21.19 -0.54
CA PRO C 48 2.59 20.10 -1.00
C PRO C 48 2.10 18.75 -0.47
N LEU C 49 2.34 17.71 -1.27
CA LEU C 49 2.01 16.35 -0.88
C LEU C 49 3.10 15.80 0.00
N GLY C 50 4.31 16.33 -0.15
CA GLY C 50 5.43 15.85 0.67
C GLY C 50 6.68 16.61 0.34
N ALA C 51 7.76 16.31 1.06
CA ALA C 51 9.05 16.89 0.66
C ALA C 51 10.15 15.89 0.92
N ILE C 52 11.10 15.89 0.02
CA ILE C 52 12.32 15.08 0.12
CA ILE C 52 12.30 15.07 0.25
C ILE C 52 13.47 15.92 0.70
N HIS C 53 14.08 15.52 1.85
CA HIS C 53 15.23 16.20 2.38
C HIS C 53 16.47 15.69 1.62
N LEU C 54 17.18 16.59 0.94
CA LEU C 54 18.28 16.15 0.04
C LEU C 54 19.64 16.12 0.67
N ARG C 55 19.89 16.77 1.79
CA ARG C 55 21.24 16.75 2.29
C ARG C 55 21.66 15.30 2.52
N GLY C 56 22.78 14.91 1.91
CA GLY C 56 23.33 13.57 2.08
C GLY C 56 22.66 12.48 1.27
N CYS C 57 21.79 12.84 0.36
CA CYS C 57 21.11 11.79 -0.37
C CYS C 57 22.06 11.39 -1.50
N VAL C 58 21.73 10.25 -2.12
CA VAL C 58 22.45 9.78 -3.31
C VAL C 58 21.43 9.61 -4.41
N VAL C 59 21.76 10.09 -5.60
CA VAL C 59 20.86 9.93 -6.74
CA VAL C 59 20.87 9.94 -6.76
C VAL C 59 21.59 9.20 -7.87
N THR C 60 20.90 8.25 -8.47
CA THR C 60 21.48 7.42 -9.52
CA THR C 60 21.50 7.44 -9.51
C THR C 60 20.50 7.24 -10.65
N SER C 61 21.05 7.20 -11.86
CA SER C 61 20.33 6.86 -13.03
C SER C 61 20.12 5.35 -12.98
N VAL C 62 18.98 4.88 -13.51
CA VAL C 62 18.62 3.44 -13.44
C VAL C 62 18.30 2.97 -14.83
N GLU C 73 8.44 2.03 -18.92
CA GLU C 73 9.38 2.70 -18.03
C GLU C 73 10.73 2.98 -18.77
N GLU C 74 11.10 4.27 -18.84
CA GLU C 74 12.32 4.76 -19.51
C GLU C 74 12.68 6.10 -18.82
N ASN C 75 13.95 6.51 -18.86
CA ASN C 75 14.42 7.72 -18.15
C ASN C 75 14.17 7.69 -16.67
N LEU C 76 14.36 6.51 -16.09
CA LEU C 76 14.27 6.33 -14.62
C LEU C 76 15.50 6.79 -13.79
N PHE C 77 15.23 7.27 -12.58
CA PHE C 77 16.31 7.48 -11.63
C PHE C 77 15.81 7.34 -10.23
N GLU C 78 16.74 7.19 -9.26
CA GLU C 78 16.39 6.84 -7.89
C GLU C 78 17.08 7.76 -6.93
N ILE C 79 16.35 8.30 -5.97
CA ILE C 79 16.97 9.05 -4.84
C ILE C 79 16.90 8.19 -3.63
N ILE C 80 18.04 8.01 -2.94
CA ILE C 80 18.04 7.32 -1.63
C ILE C 80 18.44 8.37 -0.57
N THR C 81 17.51 8.74 0.29
CA THR C 81 17.77 9.80 1.28
C THR C 81 18.65 9.35 2.46
N ALA C 82 19.07 10.31 3.32
CA ALA C 82 19.87 9.97 4.46
C ALA C 82 19.22 8.92 5.43
N ASP C 83 17.91 8.94 5.49
CA ASP C 83 17.21 8.02 6.33
C ASP C 83 16.74 6.83 5.52
N GLU C 84 17.43 6.58 4.40
CA GLU C 84 17.30 5.31 3.63
C GLU C 84 16.01 5.17 2.82
N VAL C 85 15.19 6.22 2.69
CA VAL C 85 13.99 6.11 1.87
C VAL C 85 14.34 6.17 0.38
N HIS C 86 13.78 5.25 -0.41
CA HIS C 86 14.03 5.24 -1.86
C HIS C 86 12.87 5.91 -2.59
N TYR C 87 13.16 6.83 -3.51
CA TYR C 87 12.12 7.41 -4.35
C TYR C 87 12.49 7.08 -5.78
N PHE C 88 11.55 6.52 -6.51
CA PHE C 88 11.79 6.19 -7.93
C PHE C 88 11.02 7.19 -8.80
N LEU C 89 11.75 7.83 -9.73
CA LEU C 89 11.20 8.91 -10.55
C LEU C 89 11.45 8.63 -12.01
N GLN C 90 10.64 9.22 -12.88
CA GLN C 90 10.82 8.99 -14.28
C GLN C 90 10.69 10.34 -15.02
N ALA C 91 11.68 10.68 -15.81
CA ALA C 91 11.60 11.89 -16.65
C ALA C 91 11.05 11.57 -18.04
N ALA C 92 10.70 12.59 -18.79
CA ALA C 92 10.07 12.41 -20.12
C ALA C 92 11.09 12.23 -21.22
N THR C 93 12.31 12.67 -20.98
CA THR C 93 13.40 12.56 -22.00
C THR C 93 14.71 12.28 -21.28
N PRO C 94 15.67 11.68 -21.98
CA PRO C 94 16.99 11.53 -21.36
C PRO C 94 17.61 12.83 -20.87
N LYS C 95 17.46 13.94 -21.64
CA LYS C 95 18.07 15.23 -21.20
C LYS C 95 17.51 15.70 -19.87
N GLU C 96 16.19 15.54 -19.72
CA GLU C 96 15.52 15.92 -18.45
C GLU C 96 16.07 15.10 -17.27
N ARG C 97 16.26 13.79 -17.45
CA ARG C 97 16.86 12.96 -16.39
C ARG C 97 18.23 13.48 -16.02
N THR C 98 19.04 13.81 -17.03
CA THR C 98 20.40 14.26 -16.74
C THR C 98 20.42 15.56 -15.95
N GLU C 99 19.58 16.51 -16.39
CA GLU C 99 19.45 17.80 -15.71
C GLU C 99 18.96 17.64 -14.25
N TRP C 100 17.92 16.83 -14.04
CA TRP C 100 17.45 16.60 -12.68
C TRP C 100 18.49 15.95 -11.79
N ILE C 101 19.22 14.95 -12.33
CA ILE C 101 20.23 14.29 -11.47
C ILE C 101 21.33 15.28 -11.11
N LYS C 102 21.77 16.07 -12.09
CA LYS C 102 22.84 17.07 -11.83
C LYS C 102 22.39 18.13 -10.77
N ALA C 103 21.17 18.63 -10.93
CA ALA C 103 20.60 19.64 -9.99
C ALA C 103 20.44 19.10 -8.60
N ILE C 104 19.90 17.86 -8.48
CA ILE C 104 19.79 17.20 -7.18
C ILE C 104 21.12 16.95 -6.52
N GLN C 105 22.10 16.45 -7.27
CA GLN C 105 23.42 16.21 -6.64
C GLN C 105 24.00 17.50 -6.08
N MET C 106 23.87 18.58 -6.85
CA MET C 106 24.46 19.86 -6.42
C MET C 106 23.82 20.35 -5.13
N ALA C 107 22.51 20.16 -5.06
CA ALA C 107 21.73 20.63 -3.93
C ALA C 107 21.98 19.78 -2.70
N SER C 108 22.52 18.57 -2.86
CA SER C 108 22.67 17.60 -1.76
C SER C 108 23.92 17.82 -0.90
N ARG C 109 24.76 18.73 -1.32
CA ARG C 109 26.05 18.91 -0.61
C ARG C 109 25.93 19.71 0.65
O16 IP5 D . 8.85 -2.40 7.29
C6 IP5 D . 7.54 -1.86 7.07
C1 IP5 D . 6.64 -2.21 8.26
O11 IP5 D . 6.59 -3.62 8.29
P1 IP5 D . 6.33 -4.47 9.62
O41 IP5 D . 4.86 -4.16 9.89
O31 IP5 D . 6.68 -5.88 9.15
O21 IP5 D . 7.21 -3.90 10.73
C5 IP5 D . 7.64 -0.32 6.92
O15 IP5 D . 8.42 0.00 5.75
P5 IP5 D . 9.74 0.96 5.73
O45 IP5 D . 10.71 0.47 4.68
O35 IP5 D . 10.19 0.98 7.15
O25 IP5 D . 9.08 2.27 5.38
C4 IP5 D . 6.25 0.41 6.84
O14 IP5 D . 6.41 1.81 7.06
P4 IP5 D . 5.86 2.91 6.00
O44 IP5 D . 6.80 2.80 4.89
O34 IP5 D . 4.47 2.59 5.51
O24 IP5 D . 5.85 4.20 6.79
C3 IP5 D . 5.38 -0.04 8.02
O13 IP5 D . 4.10 0.61 7.89
P3 IP5 D . 3.22 1.04 9.17
O43 IP5 D . 2.89 -0.26 9.89
O33 IP5 D . 4.05 2.02 9.95
O23 IP5 D . 2.01 1.74 8.60
C2 IP5 D . 5.25 -1.57 8.07
O12 IP5 D . 4.66 -2.00 6.82
P2 IP5 D . 3.50 -3.09 6.70
O22 IP5 D . 3.32 -3.96 7.94
O32 IP5 D . 2.21 -2.40 6.40
O42 IP5 D . 4.08 -4.00 5.68
O16 IP5 E . -23.82 -10.25 -0.73
C6 IP5 E . -24.78 -9.28 -1.18
C1 IP5 E . -24.24 -8.66 -2.51
O11 IP5 E . -22.99 -8.02 -2.17
P1 IP5 E . -21.77 -7.85 -3.22
O41 IP5 E . -22.28 -6.73 -4.15
O31 IP5 E . -20.67 -7.44 -2.29
O21 IP5 E . -21.59 -9.19 -3.95
C5 IP5 E . -26.12 -9.94 -1.50
O15 IP5 E . -26.67 -10.40 -0.28
P5 IP5 E . -27.18 -11.92 0.07
O45 IP5 E . -28.66 -11.85 -0.15
O35 IP5 E . -26.90 -12.23 1.51
O25 IP5 E . -26.67 -12.76 -1.07
C4 IP5 E . -27.14 -8.99 -2.18
O14 IP5 E . -28.27 -9.79 -2.62
P4 IP5 E . -29.78 -9.42 -2.25
O44 IP5 E . -29.92 -10.06 -0.94
O34 IP5 E . -30.03 -7.92 -2.27
O24 IP5 E . -30.55 -10.18 -3.33
C3 IP5 E . -26.56 -8.31 -3.43
O13 IP5 E . -27.47 -7.34 -4.03
P3 IP5 E . -27.60 -7.18 -5.62
O43 IP5 E . -28.73 -6.24 -5.92
O33 IP5 E . -26.24 -6.56 -5.88
O23 IP5 E . -27.85 -8.57 -6.12
C2 IP5 E . -25.23 -7.64 -3.10
O12 IP5 E . -25.49 -6.60 -2.11
P2 IP5 E . -24.90 -5.12 -2.16
O22 IP5 E . -23.74 -4.92 -3.13
O32 IP5 E . -25.98 -4.17 -2.35
O42 IP5 E . -24.32 -5.01 -0.76
O16 IP5 F . 2.01 7.10 -3.81
C6 IP5 F . 2.49 7.24 -2.46
C1 IP5 F . 2.03 8.63 -1.97
O11 IP5 F . 2.75 9.60 -2.78
P1 IP5 F . 2.18 11.05 -3.12
O41 IP5 F . 2.40 11.79 -1.80
O31 IP5 F . 3.00 11.52 -4.26
O21 IP5 F . 0.70 10.94 -3.45
C5 IP5 F . 1.83 6.18 -1.62
O15 IP5 F . 2.29 4.89 -2.05
P5 IP5 F . 1.35 3.66 -2.55
O45 IP5 F . 0.92 3.00 -1.27
O35 IP5 F . 2.15 2.81 -3.47
O25 IP5 F . 0.12 4.41 -3.09
C4 IP5 F . 2.02 6.35 -0.08
O14 IP5 F . 1.12 5.46 0.58
P4 IP5 F . 1.61 4.40 1.72
O44 IP5 F . 2.07 3.26 0.93
O34 IP5 F . 2.66 4.99 2.61
O24 IP5 F . 0.37 4.07 2.50
C3 IP5 F . 1.69 7.78 0.38
O13 IP5 F . 2.02 7.92 1.80
P3 IP5 F . 1.09 8.87 2.73
O43 IP5 F . 1.65 8.68 4.12
O33 IP5 F . 1.22 10.26 2.15
O23 IP5 F . -0.32 8.34 2.67
C2 IP5 F . 2.41 8.81 -0.49
O12 IP5 F . 3.83 8.58 -0.29
P2 IP5 F . 4.91 9.76 -0.06
O22 IP5 F . 4.42 11.18 -0.42
O32 IP5 F . 5.41 9.73 1.32
O42 IP5 F . 5.98 9.37 -1.08
#